data_8JB4
#
_entry.id   8JB4
#
_entity_poly.entity_id   1
_entity_poly.type   'polypeptide(L)'
_entity_poly.pdbx_seq_one_letter_code
;LCTYKVKPKLQRFKLYFLGTVTCP
;
_entity_poly.pdbx_strand_id   A
#
# COMPACT_ATOMS: atom_id res chain seq x y z
N LEU A 1 -7.22 -5.13 -1.34
CA LEU A 1 -6.26 -6.22 -1.76
C LEU A 1 -5.54 -6.81 -0.54
N CYS A 2 -4.49 -6.16 -0.04
CA CYS A 2 -3.67 -6.56 1.12
C CYS A 2 -3.13 -8.00 0.97
N THR A 3 -2.41 -8.25 -0.13
CA THR A 3 -2.00 -9.60 -0.56
C THR A 3 -0.67 -9.67 -1.31
N TYR A 4 -0.14 -8.54 -1.79
CA TYR A 4 1.13 -8.50 -2.52
C TYR A 4 2.33 -8.63 -1.57
N LYS A 5 2.43 -7.70 -0.60
CA LYS A 5 3.42 -7.70 0.50
C LYS A 5 4.90 -7.71 0.06
N VAL A 6 5.14 -7.26 -1.16
CA VAL A 6 6.46 -6.94 -1.74
C VAL A 6 6.76 -5.46 -1.44
N LYS A 7 7.75 -4.83 -2.10
CA LYS A 7 7.94 -3.36 -2.07
C LYS A 7 6.61 -2.69 -2.47
N PRO A 8 6.01 -1.81 -1.63
CA PRO A 8 4.61 -1.35 -1.76
C PRO A 8 4.25 -0.50 -2.97
N LYS A 9 5.21 -0.02 -3.77
CA LYS A 9 4.97 0.99 -4.84
C LYS A 9 4.07 0.49 -5.98
N LEU A 10 3.90 -0.84 -6.07
CA LEU A 10 2.91 -1.54 -6.89
C LEU A 10 1.46 -1.09 -6.65
N GLN A 11 1.14 -0.57 -5.44
CA GLN A 11 -0.17 0.01 -5.10
C GLN A 11 -0.10 1.27 -4.20
N ARG A 12 1.08 1.62 -3.65
CA ARG A 12 1.37 2.76 -2.75
C ARG A 12 0.56 2.91 -1.46
N PHE A 13 -0.30 1.95 -1.08
CA PHE A 13 -1.17 2.11 0.10
C PHE A 13 -0.36 2.19 1.40
N LYS A 14 0.76 1.46 1.49
CA LYS A 14 1.69 1.45 2.64
C LYS A 14 2.48 2.77 2.83
N LEU A 15 2.30 3.77 1.96
CA LEU A 15 2.88 5.10 2.12
C LEU A 15 2.03 6.05 3.01
N TYR A 16 0.71 5.80 3.11
CA TYR A 16 -0.29 6.50 3.95
C TYR A 16 -0.50 8.01 3.69
N PHE A 17 0.39 8.67 2.95
CA PHE A 17 0.49 10.12 2.72
C PHE A 17 -0.79 10.83 2.22
N LEU A 18 -1.62 10.17 1.42
CA LEU A 18 -2.87 10.70 0.83
C LEU A 18 -4.15 10.24 1.55
N GLY A 19 -4.01 9.56 2.69
CA GLY A 19 -5.11 8.90 3.42
C GLY A 19 -5.40 7.47 2.95
N THR A 20 -4.42 6.81 2.33
CA THR A 20 -4.43 5.41 1.87
C THR A 20 -4.40 4.41 3.05
N VAL A 21 -5.38 4.44 3.95
CA VAL A 21 -5.51 3.54 5.10
C VAL A 21 -5.96 2.13 4.65
N THR A 22 -5.07 1.47 3.91
CA THR A 22 -5.18 0.14 3.29
C THR A 22 -3.78 -0.48 3.22
N CYS A 23 -3.67 -1.79 3.02
CA CYS A 23 -2.40 -2.51 2.85
C CYS A 23 -2.26 -3.18 1.48
N PRO A 24 -1.03 -3.38 0.96
CA PRO A 24 -0.79 -3.81 -0.42
C PRO A 24 -0.94 -5.31 -0.67
N LEU A 1 -7.57 -4.37 0.22
CA LEU A 1 -6.67 -5.32 -0.52
C LEU A 1 -5.88 -6.18 0.47
N CYS A 2 -4.72 -5.72 0.96
CA CYS A 2 -3.94 -6.35 2.04
C CYS A 2 -3.63 -7.84 1.78
N THR A 3 -3.10 -8.17 0.59
CA THR A 3 -3.01 -9.56 0.10
C THR A 3 -1.83 -9.87 -0.84
N TYR A 4 -1.25 -8.86 -1.51
CA TYR A 4 -0.23 -9.09 -2.55
C TYR A 4 1.12 -9.51 -1.97
N LYS A 5 1.64 -8.70 -1.04
CA LYS A 5 2.92 -8.92 -0.30
C LYS A 5 4.18 -8.99 -1.17
N VAL A 6 4.09 -8.39 -2.35
CA VAL A 6 5.21 -8.07 -3.27
C VAL A 6 5.73 -6.67 -2.88
N LYS A 7 6.74 -6.11 -3.57
CA LYS A 7 7.14 -4.69 -3.41
C LYS A 7 5.89 -3.78 -3.53
N PRO A 8 5.56 -2.92 -2.53
CA PRO A 8 4.27 -2.19 -2.48
C PRO A 8 3.93 -1.23 -3.63
N LYS A 9 4.84 -0.97 -4.58
CA LYS A 9 4.67 0.00 -5.68
C LYS A 9 3.49 -0.31 -6.63
N LEU A 10 2.96 -1.53 -6.54
CA LEU A 10 1.71 -1.98 -7.15
C LEU A 10 0.52 -1.03 -6.89
N GLN A 11 0.49 -0.34 -5.74
CA GLN A 11 -0.44 0.78 -5.45
C GLN A 11 0.03 1.75 -4.35
N ARG A 12 1.23 1.55 -3.78
CA ARG A 12 1.87 2.30 -2.67
C ARG A 12 1.05 2.50 -1.39
N PHE A 13 -0.06 1.80 -1.15
CA PHE A 13 -0.96 2.13 -0.04
C PHE A 13 -0.39 1.88 1.36
N LYS A 14 0.81 1.27 1.54
CA LYS A 14 1.47 1.34 2.85
C LYS A 14 1.86 2.77 3.24
N LEU A 15 2.00 3.68 2.26
CA LEU A 15 2.59 5.02 2.39
C LEU A 15 1.72 5.99 3.20
N TYR A 16 1.85 5.80 4.51
CA TYR A 16 1.39 6.57 5.68
C TYR A 16 1.28 8.11 5.54
N PHE A 17 2.05 8.74 4.63
CA PHE A 17 2.11 10.21 4.49
C PHE A 17 0.81 10.90 4.02
N LEU A 18 -0.12 10.14 3.39
CA LEU A 18 -1.33 10.64 2.74
C LEU A 18 -2.65 10.20 3.42
N GLY A 19 -2.58 9.29 4.39
CA GLY A 19 -3.77 8.61 4.94
C GLY A 19 -4.39 7.65 3.92
N THR A 20 -3.54 6.83 3.30
CA THR A 20 -3.84 5.78 2.33
C THR A 20 -4.95 4.82 2.83
N VAL A 21 -5.86 4.43 1.92
CA VAL A 21 -7.14 3.74 2.24
C VAL A 21 -7.02 2.27 2.69
N THR A 22 -5.97 1.56 2.29
CA THR A 22 -5.80 0.11 2.51
C THR A 22 -4.32 -0.29 2.63
N CYS A 23 -4.00 -1.58 2.55
CA CYS A 23 -2.64 -2.15 2.58
C CYS A 23 -2.29 -2.92 1.29
N PRO A 24 -0.99 -3.13 1.00
CA PRO A 24 -0.55 -4.06 -0.05
C PRO A 24 -0.84 -5.51 0.35
N LEU A 1 -7.27 -3.20 -0.11
CA LEU A 1 -6.93 -4.50 -0.80
C LEU A 1 -6.57 -5.59 0.24
N CYS A 2 -5.43 -5.45 0.93
CA CYS A 2 -4.91 -6.43 1.90
C CYS A 2 -4.83 -7.86 1.31
N THR A 3 -4.16 -8.01 0.16
CA THR A 3 -4.10 -9.23 -0.65
C THR A 3 -2.79 -9.37 -1.45
N TYR A 4 -2.00 -8.30 -1.60
CA TYR A 4 -0.67 -8.36 -2.20
C TYR A 4 0.38 -8.92 -1.21
N LYS A 5 1.45 -9.48 -1.77
CA LYS A 5 2.55 -10.15 -1.03
C LYS A 5 3.93 -10.06 -1.72
N VAL A 6 4.11 -8.96 -2.44
CA VAL A 6 5.38 -8.48 -3.04
C VAL A 6 5.57 -7.04 -2.53
N LYS A 7 6.75 -6.42 -2.71
CA LYS A 7 7.08 -5.09 -2.17
C LYS A 7 5.94 -4.07 -2.45
N PRO A 8 5.29 -3.49 -1.41
CA PRO A 8 4.01 -2.73 -1.52
C PRO A 8 4.03 -1.43 -2.34
N LYS A 9 5.20 -1.03 -2.85
CA LYS A 9 5.40 0.08 -3.81
C LYS A 9 4.64 -0.13 -5.14
N LEU A 10 4.20 -1.37 -5.39
CA LEU A 10 3.24 -1.76 -6.44
C LEU A 10 1.90 -0.97 -6.38
N GLN A 11 1.52 -0.44 -5.21
CA GLN A 11 0.38 0.49 -5.03
C GLN A 11 0.67 1.69 -4.10
N ARG A 12 1.85 1.75 -3.47
CA ARG A 12 2.39 2.84 -2.61
C ARG A 12 1.60 3.21 -1.34
N PHE A 13 0.59 2.43 -0.94
CA PHE A 13 -0.19 2.73 0.28
C PHE A 13 0.63 2.53 1.59
N LYS A 14 1.77 1.82 1.54
CA LYS A 14 2.68 1.63 2.70
C LYS A 14 3.57 2.84 3.02
N LEU A 15 3.61 3.84 2.13
CA LEU A 15 4.31 5.10 2.39
C LEU A 15 3.62 5.97 3.46
N TYR A 16 2.30 5.77 3.65
CA TYR A 16 1.39 6.46 4.57
C TYR A 16 1.19 7.98 4.35
N PHE A 17 2.15 8.66 3.71
CA PHE A 17 2.27 10.13 3.59
C PHE A 17 1.05 10.85 2.98
N LEU A 18 0.39 10.21 2.00
CA LEU A 18 -0.66 10.81 1.16
C LEU A 18 -2.06 10.81 1.82
N GLY A 19 -2.19 10.30 3.04
CA GLY A 19 -3.48 9.98 3.66
C GLY A 19 -4.05 8.72 2.99
N THR A 20 -3.18 7.72 2.80
CA THR A 20 -3.38 6.48 2.02
C THR A 20 -4.69 5.79 2.37
N VAL A 21 -5.55 5.61 1.34
CA VAL A 21 -6.97 5.23 1.50
C VAL A 21 -7.20 3.77 1.91
N THR A 22 -6.24 2.87 1.65
CA THR A 22 -6.38 1.42 1.86
C THR A 22 -5.04 0.75 2.18
N CYS A 23 -5.02 -0.58 2.28
CA CYS A 23 -3.84 -1.43 2.46
C CYS A 23 -3.55 -2.27 1.20
N PRO A 24 -2.28 -2.57 0.90
CA PRO A 24 -1.87 -3.48 -0.18
C PRO A 24 -2.10 -4.96 0.18
N LEU A 1 -6.21 -2.59 3.23
CA LEU A 1 -6.33 -3.89 2.49
C LEU A 1 -5.66 -5.02 3.26
N CYS A 2 -4.32 -5.00 3.40
CA CYS A 2 -3.51 -6.04 4.08
C CYS A 2 -3.76 -7.45 3.50
N THR A 3 -3.72 -7.59 2.18
CA THR A 3 -4.06 -8.83 1.44
C THR A 3 -3.31 -9.01 0.11
N TYR A 4 -2.51 -8.03 -0.33
CA TYR A 4 -1.69 -8.13 -1.55
C TYR A 4 -0.28 -8.72 -1.26
N LYS A 5 0.17 -9.59 -2.19
CA LYS A 5 1.33 -10.51 -2.09
C LYS A 5 2.33 -10.41 -3.25
N VAL A 6 2.29 -9.29 -3.96
CA VAL A 6 3.24 -8.87 -5.01
C VAL A 6 3.73 -7.46 -4.64
N LYS A 7 4.79 -6.95 -5.26
CA LYS A 7 5.45 -5.67 -4.92
C LYS A 7 4.39 -4.56 -4.76
N PRO A 8 4.22 -3.94 -3.56
CA PRO A 8 3.07 -3.07 -3.21
C PRO A 8 2.86 -1.78 -4.01
N LYS A 9 3.72 -1.48 -5.00
CA LYS A 9 3.54 -0.38 -5.97
C LYS A 9 2.30 -0.56 -6.85
N LEU A 10 1.71 -1.77 -6.85
CA LEU A 10 0.39 -2.08 -7.38
C LEU A 10 -0.73 -1.19 -6.81
N GLN A 11 -0.55 -0.63 -5.60
CA GLN A 11 -1.46 0.35 -4.95
C GLN A 11 -0.74 1.49 -4.21
N ARG A 12 0.59 1.42 -4.03
CA ARG A 12 1.49 2.42 -3.38
C ARG A 12 1.21 2.76 -1.91
N PHE A 13 0.42 1.95 -1.21
CA PHE A 13 0.06 2.16 0.22
C PHE A 13 1.27 2.08 1.17
N LYS A 14 2.34 1.37 0.77
CA LYS A 14 3.59 1.19 1.54
C LYS A 14 4.52 2.41 1.50
N LEU A 15 4.13 3.50 0.82
CA LEU A 15 4.88 4.77 0.83
C LEU A 15 4.62 5.62 2.08
N TYR A 16 3.40 5.56 2.63
CA TYR A 16 2.92 6.33 3.81
C TYR A 16 3.02 7.88 3.69
N PHE A 17 3.31 8.36 2.48
CA PHE A 17 3.66 9.76 2.16
C PHE A 17 2.48 10.75 2.02
N LEU A 18 1.26 10.30 1.65
CA LEU A 18 0.15 11.18 1.28
C LEU A 18 -1.23 10.62 1.71
N GLY A 19 -2.08 10.20 0.76
CA GLY A 19 -3.38 9.55 1.02
C GLY A 19 -3.28 8.07 1.40
N THR A 20 -2.05 7.57 1.49
CA THR A 20 -1.58 6.20 1.81
C THR A 20 -1.79 5.82 3.29
N VAL A 21 -3.03 5.95 3.77
CA VAL A 21 -3.41 5.67 5.18
C VAL A 21 -3.56 4.16 5.48
N THR A 22 -3.90 3.35 4.47
CA THR A 22 -4.11 1.90 4.59
C THR A 22 -2.82 1.10 4.33
N CYS A 23 -2.92 -0.24 4.36
CA CYS A 23 -1.87 -1.21 4.03
C CYS A 23 -2.21 -2.05 2.79
N PRO A 24 -1.21 -2.50 2.00
CA PRO A 24 -1.39 -3.38 0.84
C PRO A 24 -1.72 -4.84 1.24
N LEU A 1 -6.22 -3.45 2.26
CA LEU A 1 -6.17 -4.71 1.45
C LEU A 1 -5.45 -5.84 2.21
N CYS A 2 -4.14 -5.74 2.40
CA CYS A 2 -3.28 -6.76 3.05
C CYS A 2 -3.48 -8.17 2.45
N THR A 3 -3.31 -8.26 1.12
CA THR A 3 -3.57 -9.45 0.29
C THR A 3 -2.64 -9.59 -0.93
N TYR A 4 -1.87 -8.55 -1.29
CA TYR A 4 -0.87 -8.62 -2.35
C TYR A 4 0.43 -9.27 -1.83
N LYS A 5 1.22 -9.83 -2.77
CA LYS A 5 2.44 -10.63 -2.54
C LYS A 5 3.61 -10.28 -3.49
N VAL A 6 3.60 -9.06 -3.99
CA VAL A 6 4.63 -8.42 -4.84
C VAL A 6 4.95 -7.05 -4.22
N LYS A 7 6.01 -6.36 -4.67
CA LYS A 7 6.51 -5.10 -4.08
C LYS A 7 5.37 -4.06 -3.88
N PRO A 8 5.06 -3.60 -2.65
CA PRO A 8 3.93 -2.70 -2.26
C PRO A 8 3.65 -1.45 -3.12
N LYS A 9 4.63 -1.02 -3.90
CA LYS A 9 4.55 0.12 -4.86
C LYS A 9 3.53 -0.11 -5.99
N LEU A 10 3.10 -1.36 -6.16
CA LEU A 10 1.95 -1.77 -7.00
C LEU A 10 0.64 -1.02 -6.70
N GLN A 11 0.47 -0.50 -5.47
CA GLN A 11 -0.61 0.43 -5.09
C GLN A 11 -0.16 1.63 -4.23
N ARG A 12 1.09 1.63 -3.71
CA ARG A 12 1.77 2.71 -2.96
C ARG A 12 1.13 3.16 -1.62
N PHE A 13 0.13 2.44 -1.11
CA PHE A 13 -0.46 2.74 0.22
C PHE A 13 0.56 2.63 1.35
N LYS A 14 1.59 1.76 1.17
CA LYS A 14 2.79 1.65 2.03
C LYS A 14 3.63 2.94 2.18
N LEU A 15 3.44 3.96 1.34
CA LEU A 15 4.19 5.22 1.42
C LEU A 15 3.63 6.19 2.49
N TYR A 16 2.34 6.06 2.85
CA TYR A 16 1.61 6.76 3.94
C TYR A 16 1.53 8.31 3.91
N PHE A 17 2.36 9.00 3.13
CA PHE A 17 2.45 10.47 3.06
C PHE A 17 1.10 11.19 2.76
N LEU A 18 0.25 10.56 1.94
CA LEU A 18 -1.03 11.11 1.45
C LEU A 18 -2.22 10.89 2.41
N GLY A 19 -2.01 10.18 3.53
CA GLY A 19 -3.11 9.70 4.39
C GLY A 19 -3.78 8.46 3.78
N THR A 20 -2.97 7.56 3.21
CA THR A 20 -3.38 6.33 2.50
C THR A 20 -4.21 5.38 3.38
N VAL A 21 -3.83 5.27 4.66
CA VAL A 21 -4.55 4.61 5.77
C VAL A 21 -4.97 3.14 5.49
N THR A 22 -4.24 2.45 4.60
CA THR A 22 -4.39 1.02 4.32
C THR A 22 -3.07 0.36 3.89
N CYS A 23 -3.11 -0.93 3.64
CA CYS A 23 -1.98 -1.77 3.22
C CYS A 23 -2.30 -2.55 1.95
N PRO A 24 -1.33 -2.74 1.03
CA PRO A 24 -1.46 -3.65 -0.10
C PRO A 24 -1.33 -5.13 0.36
N LEU A 1 -6.81 -4.32 2.68
CA LEU A 1 -6.15 -5.62 2.33
C LEU A 1 -5.02 -5.93 3.34
N CYS A 2 -3.86 -5.31 3.18
CA CYS A 2 -2.62 -5.52 3.96
C CYS A 2 -2.15 -6.99 3.98
N THR A 3 -1.63 -7.45 2.84
CA THR A 3 -1.33 -8.87 2.57
C THR A 3 -0.28 -9.13 1.49
N TYR A 4 0.15 -8.12 0.71
CA TYR A 4 1.08 -8.29 -0.42
C TYR A 4 2.56 -8.32 0.00
N LYS A 5 3.41 -8.86 -0.91
CA LYS A 5 4.86 -9.14 -0.75
C LYS A 5 5.65 -8.91 -2.07
N VAL A 6 5.13 -8.02 -2.91
CA VAL A 6 5.67 -7.58 -4.21
C VAL A 6 5.65 -6.04 -4.21
N LYS A 7 6.29 -5.38 -5.19
CA LYS A 7 6.43 -3.90 -5.27
C LYS A 7 5.08 -3.20 -4.96
N PRO A 8 4.95 -2.45 -3.84
CA PRO A 8 3.67 -1.96 -3.27
C PRO A 8 2.83 -1.01 -4.15
N LYS A 9 3.35 -0.57 -5.30
CA LYS A 9 2.64 0.24 -6.32
C LYS A 9 1.43 -0.49 -6.93
N LEU A 10 1.37 -1.81 -6.74
CA LEU A 10 0.20 -2.66 -7.00
C LEU A 10 -1.11 -2.16 -6.33
N GLN A 11 -1.00 -1.40 -5.22
CA GLN A 11 -2.13 -0.70 -4.58
C GLN A 11 -1.78 0.69 -4.00
N ARG A 12 -0.50 1.09 -3.96
CA ARG A 12 0.05 2.38 -3.48
C ARG A 12 -0.20 2.76 -2.01
N PHE A 13 -0.75 1.87 -1.17
CA PHE A 13 -1.04 2.18 0.25
C PHE A 13 0.19 2.25 1.17
N LYS A 14 1.38 1.83 0.67
CA LYS A 14 2.69 2.02 1.31
C LYS A 14 3.40 3.34 0.93
N LEU A 15 2.75 4.25 0.19
CA LEU A 15 3.38 5.51 -0.27
C LEU A 15 3.05 6.75 0.59
N TYR A 16 1.93 6.75 1.33
CA TYR A 16 1.54 7.77 2.34
C TYR A 16 1.32 9.22 1.84
N PHE A 17 1.60 9.51 0.57
CA PHE A 17 1.38 10.81 -0.09
C PHE A 17 -0.10 11.27 -0.07
N LEU A 18 -1.03 10.32 -0.22
CA LEU A 18 -2.47 10.56 -0.43
C LEU A 18 -3.31 10.47 0.87
N GLY A 19 -2.66 10.26 2.02
CA GLY A 19 -3.31 9.93 3.28
C GLY A 19 -3.69 8.45 3.40
N THR A 20 -2.90 7.55 2.81
CA THR A 20 -2.97 6.10 2.97
C THR A 20 -2.63 5.72 4.42
N VAL A 21 -3.15 4.59 4.91
CA VAL A 21 -3.06 4.20 6.34
C VAL A 21 -2.64 2.73 6.52
N THR A 22 -3.50 1.79 6.15
CA THR A 22 -3.20 0.34 6.15
C THR A 22 -2.18 -0.01 5.07
N CYS A 23 -1.45 -1.12 5.25
CA CYS A 23 -0.49 -1.61 4.24
C CYS A 23 -1.21 -2.22 3.00
N PRO A 24 -0.51 -2.43 1.87
CA PRO A 24 -1.08 -3.05 0.66
C PRO A 24 -1.47 -4.53 0.88
N LEU A 1 -7.79 -3.90 0.47
CA LEU A 1 -6.93 -4.95 -0.18
C LEU A 1 -6.26 -5.85 0.88
N CYS A 2 -5.07 -5.48 1.41
CA CYS A 2 -4.35 -6.26 2.46
C CYS A 2 -4.18 -7.74 2.06
N THR A 3 -3.56 -8.00 0.91
CA THR A 3 -3.48 -9.31 0.24
C THR A 3 -2.26 -9.47 -0.71
N TYR A 4 -1.46 -8.42 -0.94
CA TYR A 4 -0.25 -8.51 -1.76
C TYR A 4 0.94 -9.11 -0.98
N LYS A 5 1.90 -9.68 -1.73
CA LYS A 5 3.11 -10.39 -1.25
C LYS A 5 4.38 -10.06 -2.05
N VAL A 6 4.39 -8.87 -2.64
CA VAL A 6 5.48 -8.28 -3.45
C VAL A 6 5.66 -6.82 -3.00
N LYS A 7 6.79 -6.18 -3.35
CA LYS A 7 7.17 -4.82 -2.91
C LYS A 7 5.99 -3.82 -3.04
N PRO A 8 5.47 -3.23 -1.93
CA PRO A 8 4.25 -2.39 -1.86
C PRO A 8 4.12 -1.18 -2.79
N LYS A 9 5.14 -0.84 -3.57
CA LYS A 9 5.11 0.19 -4.64
C LYS A 9 4.02 -0.08 -5.70
N LEU A 10 3.57 -1.35 -5.78
CA LEU A 10 2.39 -1.81 -6.52
C LEU A 10 1.08 -1.07 -6.14
N GLN A 11 1.01 -0.44 -4.96
CA GLN A 11 -0.10 0.43 -4.52
C GLN A 11 0.33 1.72 -3.77
N ARG A 12 1.61 1.87 -3.40
CA ARG A 12 2.24 3.03 -2.70
C ARG A 12 1.70 3.44 -1.32
N PHE A 13 0.71 2.75 -0.75
CA PHE A 13 0.16 3.04 0.61
C PHE A 13 1.21 2.90 1.74
N LYS A 14 2.27 2.10 1.55
CA LYS A 14 3.46 2.05 2.44
C LYS A 14 4.24 3.38 2.55
N LEU A 15 3.97 4.38 1.69
CA LEU A 15 4.48 5.75 1.83
C LEU A 15 3.87 6.50 3.05
N TYR A 16 2.74 6.01 3.58
CA TYR A 16 2.00 6.52 4.74
C TYR A 16 1.40 7.95 4.61
N PHE A 17 1.63 8.63 3.47
CA PHE A 17 1.04 9.93 3.13
C PHE A 17 -0.44 9.84 2.71
N LEU A 18 -1.08 10.98 2.41
CA LEU A 18 -2.41 11.10 1.77
C LEU A 18 -3.59 10.48 2.57
N GLY A 19 -3.33 9.95 3.76
CA GLY A 19 -4.28 9.16 4.56
C GLY A 19 -4.52 7.73 4.04
N THR A 20 -3.69 7.26 3.09
CA THR A 20 -3.62 5.91 2.49
C THR A 20 -4.96 5.21 2.23
N VAL A 21 -5.44 5.27 0.98
CA VAL A 21 -6.81 4.84 0.59
C VAL A 21 -7.12 3.37 0.95
N THR A 22 -6.14 2.48 0.84
CA THR A 22 -6.19 1.10 1.34
C THR A 22 -4.79 0.61 1.75
N CYS A 23 -4.53 -0.70 1.69
CA CYS A 23 -3.31 -1.37 2.17
C CYS A 23 -2.79 -2.44 1.19
N PRO A 24 -1.46 -2.69 1.14
CA PRO A 24 -0.86 -3.78 0.38
C PRO A 24 -1.19 -5.16 0.96
N LEU A 1 -6.24 -4.23 2.37
CA LEU A 1 -5.71 -5.51 1.80
C LEU A 1 -4.88 -6.28 2.85
N CYS A 2 -3.76 -5.72 3.28
CA CYS A 2 -2.85 -6.27 4.32
C CYS A 2 -2.35 -7.71 3.98
N THR A 3 -2.03 -8.01 2.71
CA THR A 3 -1.69 -9.37 2.27
C THR A 3 -0.74 -9.42 1.07
N TYR A 4 -0.48 -8.32 0.34
CA TYR A 4 0.22 -8.34 -0.96
C TYR A 4 1.58 -9.07 -0.99
N LYS A 5 1.83 -9.70 -2.15
CA LYS A 5 2.83 -10.76 -2.40
C LYS A 5 4.19 -10.36 -2.97
N VAL A 6 4.36 -9.05 -3.13
CA VAL A 6 5.51 -8.34 -3.74
C VAL A 6 5.61 -6.96 -3.08
N LYS A 7 6.75 -6.27 -3.22
CA LYS A 7 6.98 -4.91 -2.68
C LYS A 7 5.79 -3.96 -3.01
N PRO A 8 5.13 -3.33 -2.02
CA PRO A 8 3.87 -2.56 -2.16
C PRO A 8 3.75 -1.43 -3.17
N LYS A 9 4.78 -1.10 -3.94
CA LYS A 9 4.77 -0.06 -5.00
C LYS A 9 3.70 -0.31 -6.08
N LEU A 10 3.27 -1.56 -6.22
CA LEU A 10 2.11 -2.01 -7.01
C LEU A 10 0.76 -1.34 -6.63
N GLN A 11 0.66 -0.77 -5.42
CA GLN A 11 -0.49 0.02 -4.93
C GLN A 11 -0.11 1.34 -4.24
N ARG A 12 1.16 1.50 -3.80
CA ARG A 12 1.76 2.67 -3.09
C ARG A 12 1.06 3.16 -1.82
N PHE A 13 0.10 2.42 -1.25
CA PHE A 13 -0.55 2.78 0.03
C PHE A 13 0.46 2.85 1.20
N LYS A 14 1.56 2.06 1.14
CA LYS A 14 2.67 2.06 2.10
C LYS A 14 3.50 3.37 2.13
N LEU A 15 3.23 4.34 1.25
CA LEU A 15 3.84 5.68 1.28
C LEU A 15 3.05 6.69 2.15
N TYR A 16 1.77 6.42 2.44
CA TYR A 16 0.84 7.15 3.36
C TYR A 16 0.51 8.63 3.05
N PHE A 17 1.38 9.35 2.34
CA PHE A 17 1.33 10.80 2.08
C PHE A 17 -0.02 11.32 1.51
N LEU A 18 -0.70 10.50 0.69
CA LEU A 18 -1.92 10.85 -0.05
C LEU A 18 -3.21 10.82 0.80
N GLY A 19 -3.13 10.34 2.05
CA GLY A 19 -4.31 9.99 2.85
C GLY A 19 -4.86 8.63 2.41
N THR A 20 -3.93 7.67 2.25
CA THR A 20 -4.11 6.31 1.69
C THR A 20 -5.26 5.55 2.37
N VAL A 21 -6.11 4.90 1.56
CA VAL A 21 -7.39 4.32 2.01
C VAL A 21 -7.22 3.04 2.85
N THR A 22 -6.17 2.25 2.58
CA THR A 22 -5.97 0.90 3.13
C THR A 22 -4.48 0.55 3.30
N CYS A 23 -4.20 -0.70 3.70
CA CYS A 23 -2.87 -1.32 3.80
C CYS A 23 -2.66 -2.34 2.67
N PRO A 24 -1.42 -2.52 2.15
CA PRO A 24 -1.09 -3.49 1.10
C PRO A 24 -1.03 -4.96 1.59
N LEU A 1 -6.30 -2.70 0.79
CA LEU A 1 -6.43 -4.15 0.40
C LEU A 1 -5.91 -5.07 1.52
N CYS A 2 -4.62 -4.94 1.85
CA CYS A 2 -3.91 -5.66 2.92
C CYS A 2 -3.78 -7.18 2.63
N THR A 3 -3.51 -7.54 1.38
CA THR A 3 -3.54 -8.94 0.91
C THR A 3 -2.32 -9.37 0.07
N TYR A 4 -1.50 -8.42 -0.40
CA TYR A 4 -0.29 -8.70 -1.18
C TYR A 4 0.94 -8.81 -0.27
N LYS A 5 1.33 -7.70 0.37
CA LYS A 5 2.49 -7.56 1.28
C LYS A 5 3.83 -8.02 0.67
N VAL A 6 3.92 -7.95 -0.66
CA VAL A 6 5.17 -8.09 -1.45
C VAL A 6 5.81 -6.69 -1.52
N LYS A 7 6.75 -6.44 -2.45
CA LYS A 7 7.23 -5.09 -2.77
C LYS A 7 5.99 -4.20 -3.07
N PRO A 8 5.72 -3.14 -2.28
CA PRO A 8 4.44 -2.42 -2.27
C PRO A 8 4.07 -1.59 -3.50
N LYS A 9 4.97 -1.41 -4.47
CA LYS A 9 4.77 -0.50 -5.63
C LYS A 9 3.63 -0.93 -6.56
N LEU A 10 3.20 -2.20 -6.43
CA LEU A 10 1.98 -2.77 -7.01
C LEU A 10 0.70 -1.96 -6.68
N GLN A 11 0.68 -1.24 -5.54
CA GLN A 11 -0.43 -0.35 -5.12
C GLN A 11 0.02 0.96 -4.43
N ARG A 12 1.29 1.12 -4.04
CA ARG A 12 1.90 2.26 -3.31
C ARG A 12 1.31 2.63 -1.93
N PHE A 13 0.45 1.79 -1.35
CA PHE A 13 -0.22 2.07 -0.07
C PHE A 13 0.76 2.19 1.13
N LYS A 14 1.92 1.49 1.07
CA LYS A 14 3.03 1.63 2.03
C LYS A 14 3.61 3.06 2.13
N LEU A 15 3.29 3.97 1.21
CA LEU A 15 3.72 5.36 1.26
C LEU A 15 2.94 6.20 2.31
N TYR A 16 1.68 5.83 2.60
CA TYR A 16 0.79 6.41 3.63
C TYR A 16 0.53 7.95 3.58
N PHE A 17 1.04 8.63 2.55
CA PHE A 17 1.08 10.10 2.44
C PHE A 17 -0.24 10.84 2.10
N LEU A 18 -1.20 10.22 1.38
CA LEU A 18 -2.38 10.88 0.81
C LEU A 18 -3.65 10.01 0.97
N GLY A 19 -4.24 9.54 -0.15
CA GLY A 19 -5.41 8.64 -0.17
C GLY A 19 -5.07 7.18 0.18
N THR A 20 -3.78 6.91 0.41
CA THR A 20 -3.11 5.67 0.82
C THR A 20 -3.48 5.18 2.24
N VAL A 21 -4.73 5.39 2.70
CA VAL A 21 -5.20 5.08 4.06
C VAL A 21 -5.60 3.59 4.20
N THR A 22 -4.74 2.70 3.72
CA THR A 22 -4.88 1.23 3.73
C THR A 22 -3.50 0.56 3.59
N CYS A 23 -3.45 -0.77 3.53
CA CYS A 23 -2.25 -1.57 3.25
C CYS A 23 -2.31 -2.29 1.89
N PRO A 24 -1.17 -2.73 1.33
CA PRO A 24 -1.08 -3.46 0.06
C PRO A 24 -1.60 -4.89 0.14
N LEU A 1 -5.87 -3.78 -1.69
CA LEU A 1 -6.50 -5.13 -1.49
C LEU A 1 -6.23 -5.75 -0.10
N CYS A 2 -5.11 -5.40 0.55
CA CYS A 2 -4.65 -5.90 1.85
C CYS A 2 -4.31 -7.41 1.80
N THR A 3 -3.46 -7.80 0.85
CA THR A 3 -3.17 -9.22 0.52
C THR A 3 -1.76 -9.49 -0.03
N TYR A 4 -1.09 -8.50 -0.64
CA TYR A 4 0.22 -8.71 -1.28
C TYR A 4 1.35 -8.81 -0.25
N LYS A 5 1.51 -7.74 0.56
CA LYS A 5 2.41 -7.70 1.75
C LYS A 5 3.90 -7.95 1.45
N VAL A 6 4.30 -7.68 0.21
CA VAL A 6 5.68 -7.61 -0.29
C VAL A 6 6.05 -6.13 -0.46
N LYS A 7 7.03 -5.81 -1.30
CA LYS A 7 7.35 -4.43 -1.73
C LYS A 7 6.05 -3.73 -2.21
N PRO A 8 5.60 -2.63 -1.56
CA PRO A 8 4.25 -2.07 -1.74
C PRO A 8 4.01 -1.29 -3.03
N LYS A 9 5.01 -1.07 -3.88
CA LYS A 9 4.95 -0.17 -5.07
C LYS A 9 3.92 -0.59 -6.13
N LEU A 10 3.50 -1.86 -6.05
CA LEU A 10 2.36 -2.45 -6.76
C LEU A 10 1.04 -1.66 -6.57
N GLN A 11 0.84 -0.98 -5.43
CA GLN A 11 -0.30 -0.08 -5.15
C GLN A 11 0.03 1.19 -4.34
N ARG A 12 1.24 1.32 -3.75
CA ARG A 12 1.70 2.41 -2.83
C ARG A 12 0.86 2.66 -1.57
N PHE A 13 -0.08 1.79 -1.21
CA PHE A 13 -0.98 1.97 -0.05
C PHE A 13 -0.27 1.85 1.32
N LYS A 14 0.96 1.30 1.35
CA LYS A 14 1.85 1.27 2.52
C LYS A 14 2.88 2.43 2.55
N LEU A 15 2.76 3.45 1.69
CA LEU A 15 3.77 4.51 1.53
C LEU A 15 3.48 5.80 2.33
N TYR A 16 2.22 6.09 2.64
CA TYR A 16 1.74 7.15 3.57
C TYR A 16 2.10 8.62 3.24
N PHE A 17 2.80 8.88 2.14
CA PHE A 17 3.17 10.24 1.70
C PHE A 17 1.94 11.13 1.38
N LEU A 18 0.94 10.57 0.68
CA LEU A 18 -0.32 11.25 0.32
C LEU A 18 -1.38 11.15 1.43
N GLY A 19 -1.54 9.94 1.97
CA GLY A 19 -2.51 9.61 3.03
C GLY A 19 -2.69 8.10 3.18
N THR A 20 -3.07 7.42 2.08
CA THR A 20 -3.09 5.96 1.91
C THR A 20 -3.66 5.19 3.11
N VAL A 21 -4.94 5.43 3.40
CA VAL A 21 -5.69 4.78 4.52
C VAL A 21 -5.91 3.26 4.27
N THR A 22 -5.80 2.82 3.02
CA THR A 22 -5.92 1.44 2.53
C THR A 22 -4.66 0.61 2.83
N CYS A 23 -4.62 -0.65 2.35
CA CYS A 23 -3.45 -1.53 2.42
C CYS A 23 -3.23 -2.32 1.12
N PRO A 24 -1.98 -2.72 0.78
CA PRO A 24 -1.63 -3.34 -0.50
C PRO A 24 -2.24 -4.72 -0.68
N LEU A 1 -6.98 -4.39 0.90
CA LEU A 1 -6.17 -5.49 0.27
C LEU A 1 -5.39 -6.27 1.34
N CYS A 2 -4.32 -5.67 1.88
CA CYS A 2 -3.54 -6.16 3.03
C CYS A 2 -3.00 -7.60 2.84
N THR A 3 -2.45 -7.90 1.66
CA THR A 3 -2.08 -9.26 1.22
C THR A 3 -0.88 -9.30 0.26
N TYR A 4 -0.55 -8.23 -0.47
CA TYR A 4 0.41 -8.24 -1.58
C TYR A 4 1.80 -8.82 -1.23
N LYS A 5 2.43 -9.41 -2.27
CA LYS A 5 3.58 -10.32 -2.18
C LYS A 5 4.85 -9.91 -2.92
N VAL A 6 4.90 -8.63 -3.29
CA VAL A 6 6.01 -7.92 -3.97
C VAL A 6 6.09 -6.51 -3.35
N LYS A 7 7.19 -5.77 -3.56
CA LYS A 7 7.42 -4.45 -2.95
C LYS A 7 6.20 -3.51 -3.15
N PRO A 8 5.58 -2.97 -2.07
CA PRO A 8 4.26 -2.30 -2.10
C PRO A 8 4.14 -0.98 -2.90
N LYS A 9 5.19 -0.53 -3.58
CA LYS A 9 5.18 0.58 -4.55
C LYS A 9 4.16 0.36 -5.69
N LEU A 10 3.81 -0.90 -5.93
CA LEU A 10 2.70 -1.36 -6.80
C LEU A 10 1.33 -0.75 -6.46
N GLN A 11 1.11 -0.27 -5.22
CA GLN A 11 -0.12 0.43 -4.79
C GLN A 11 0.12 1.68 -3.93
N ARG A 12 1.35 2.00 -3.53
CA ARG A 12 1.76 3.20 -2.73
C ARG A 12 1.09 3.43 -1.37
N PHE A 13 0.31 2.47 -0.87
CA PHE A 13 -0.28 2.48 0.47
C PHE A 13 0.78 2.56 1.59
N LYS A 14 2.01 2.06 1.32
CA LYS A 14 3.20 2.16 2.19
C LYS A 14 3.81 3.57 2.31
N LEU A 15 3.40 4.53 1.48
CA LEU A 15 3.92 5.92 1.53
C LEU A 15 3.17 6.81 2.54
N TYR A 16 1.95 6.43 2.96
CA TYR A 16 1.09 7.04 4.00
C TYR A 16 0.67 8.52 3.82
N PHE A 17 1.28 9.27 2.90
CA PHE A 17 1.05 10.71 2.67
C PHE A 17 -0.39 11.09 2.26
N LEU A 18 -1.05 10.24 1.45
CA LEU A 18 -2.34 10.53 0.82
C LEU A 18 -3.57 10.25 1.73
N GLY A 19 -3.34 9.63 2.88
CA GLY A 19 -4.38 9.09 3.78
C GLY A 19 -4.56 7.57 3.66
N THR A 20 -4.07 6.95 2.57
CA THR A 20 -3.89 5.51 2.33
C THR A 20 -4.98 4.62 2.95
N VAL A 21 -6.08 4.50 2.20
CA VAL A 21 -7.38 3.93 2.64
C VAL A 21 -7.30 2.45 3.07
N THR A 22 -6.29 1.70 2.61
CA THR A 22 -6.06 0.30 2.97
C THR A 22 -4.55 -0.01 3.00
N CYS A 23 -4.20 -1.21 3.47
CA CYS A 23 -2.84 -1.76 3.37
C CYS A 23 -2.60 -2.50 2.05
N PRO A 24 -1.34 -2.67 1.61
CA PRO A 24 -0.98 -3.49 0.45
C PRO A 24 -1.10 -5.00 0.76
N LEU A 1 -6.79 -4.04 1.30
CA LEU A 1 -6.32 -5.24 0.53
C LEU A 1 -5.51 -6.17 1.44
N CYS A 2 -4.28 -5.78 1.78
CA CYS A 2 -3.37 -6.46 2.73
C CYS A 2 -3.07 -7.93 2.31
N THR A 3 -2.83 -8.16 1.01
CA THR A 3 -2.74 -9.49 0.40
C THR A 3 -1.71 -9.62 -0.73
N TYR A 4 -1.21 -8.52 -1.31
CA TYR A 4 -0.17 -8.56 -2.34
C TYR A 4 1.20 -8.84 -1.71
N LYS A 5 1.64 -7.96 -0.78
CA LYS A 5 2.81 -8.15 0.11
C LYS A 5 4.16 -8.34 -0.60
N VAL A 6 4.23 -7.85 -1.84
CA VAL A 6 5.45 -7.67 -2.64
C VAL A 6 5.99 -6.25 -2.37
N LYS A 7 6.91 -5.72 -3.19
CA LYS A 7 7.28 -4.29 -3.15
C LYS A 7 5.98 -3.46 -3.32
N PRO A 8 5.65 -2.50 -2.43
CA PRO A 8 4.32 -1.86 -2.34
C PRO A 8 3.87 -0.98 -3.51
N LYS A 9 4.75 -0.65 -4.46
CA LYS A 9 4.48 0.36 -5.52
C LYS A 9 3.37 -0.06 -6.49
N LEU A 10 3.07 -1.36 -6.54
CA LEU A 10 1.92 -1.97 -7.22
C LEU A 10 0.56 -1.36 -6.80
N GLN A 11 0.46 -0.80 -5.57
CA GLN A 11 -0.75 -0.10 -5.08
C GLN A 11 -0.47 1.13 -4.19
N ARG A 12 0.79 1.42 -3.82
CA ARG A 12 1.26 2.57 -3.00
C ARG A 12 0.66 2.78 -1.60
N PHE A 13 -0.23 1.92 -1.09
CA PHE A 13 -0.90 2.16 0.21
C PHE A 13 0.05 2.06 1.43
N LYS A 14 1.20 1.38 1.28
CA LYS A 14 2.29 1.31 2.28
C LYS A 14 3.22 2.55 2.29
N LEU A 15 2.97 3.57 1.48
CA LEU A 15 3.82 4.78 1.43
C LEU A 15 3.37 5.90 2.38
N TYR A 16 2.08 5.96 2.74
CA TYR A 16 1.46 6.90 3.71
C TYR A 16 1.51 8.40 3.37
N PHE A 17 2.29 8.80 2.36
CA PHE A 17 2.48 10.18 1.87
C PHE A 17 1.19 10.94 1.51
N LEU A 18 0.20 10.24 0.94
CA LEU A 18 -1.10 10.78 0.50
C LEU A 18 -2.21 10.61 1.57
N GLY A 19 -1.87 10.08 2.75
CA GLY A 19 -2.84 9.66 3.77
C GLY A 19 -3.50 8.31 3.48
N THR A 20 -2.79 7.42 2.78
CA THR A 20 -3.20 6.03 2.47
C THR A 20 -3.43 5.23 3.75
N VAL A 21 -4.55 4.49 3.81
CA VAL A 21 -5.04 3.83 5.04
C VAL A 21 -4.78 2.32 5.09
N THR A 22 -5.10 1.62 3.99
CA THR A 22 -4.97 0.15 3.90
C THR A 22 -3.52 -0.32 3.67
N CYS A 23 -3.31 -1.63 3.59
CA CYS A 23 -2.06 -2.26 3.16
C CYS A 23 -2.20 -2.88 1.75
N PRO A 24 -1.09 -3.14 1.04
CA PRO A 24 -1.09 -3.80 -0.27
C PRO A 24 -1.33 -5.30 -0.17
N LEU A 1 -7.47 -4.56 0.42
CA LEU A 1 -6.49 -5.56 -0.10
C LEU A 1 -5.61 -6.13 1.02
N CYS A 2 -4.46 -5.51 1.32
CA CYS A 2 -3.50 -5.91 2.37
C CYS A 2 -3.18 -7.41 2.39
N THR A 3 -2.56 -7.89 1.30
CA THR A 3 -2.36 -9.32 0.98
C THR A 3 -1.16 -9.64 0.08
N TYR A 4 -0.59 -8.66 -0.64
CA TYR A 4 0.44 -8.89 -1.67
C TYR A 4 1.80 -9.25 -1.09
N LYS A 5 2.28 -8.43 -0.13
CA LYS A 5 3.48 -8.69 0.71
C LYS A 5 4.77 -8.91 -0.10
N VAL A 6 4.97 -8.01 -1.05
CA VAL A 6 6.15 -7.82 -1.89
C VAL A 6 6.37 -6.31 -2.07
N LYS A 7 7.18 -5.90 -3.05
CA LYS A 7 7.49 -4.48 -3.37
C LYS A 7 6.19 -3.63 -3.43
N PRO A 8 5.95 -2.68 -2.49
CA PRO A 8 4.66 -2.01 -2.28
C PRO A 8 4.17 -1.05 -3.38
N LYS A 9 4.99 -0.76 -4.39
CA LYS A 9 4.67 0.14 -5.53
C LYS A 9 3.48 -0.35 -6.37
N LEU A 10 3.12 -1.62 -6.21
CA LEU A 10 1.88 -2.25 -6.70
C LEU A 10 0.59 -1.49 -6.30
N GLN A 11 0.62 -0.71 -5.20
CA GLN A 11 -0.46 0.21 -4.80
C GLN A 11 0.04 1.56 -4.23
N ARG A 12 1.32 1.68 -3.84
CA ARG A 12 1.95 2.82 -3.11
C ARG A 12 1.32 3.26 -1.78
N PHE A 13 0.30 2.56 -1.27
CA PHE A 13 -0.38 2.90 -0.01
C PHE A 13 0.52 2.75 1.23
N LYS A 14 1.61 1.96 1.13
CA LYS A 14 2.68 1.86 2.14
C LYS A 14 3.47 3.16 2.38
N LEU A 15 3.25 4.21 1.58
CA LEU A 15 3.77 5.56 1.83
C LEU A 15 2.90 6.37 2.83
N TYR A 16 1.62 5.99 3.02
CA TYR A 16 0.61 6.52 3.98
C TYR A 16 0.26 8.03 3.90
N PHE A 17 1.05 8.85 3.21
CA PHE A 17 0.94 10.32 3.11
C PHE A 17 -0.46 10.85 2.72
N LEU A 18 -1.15 10.17 1.81
CA LEU A 18 -2.44 10.58 1.22
C LEU A 18 -3.66 10.15 2.06
N GLY A 19 -3.43 9.47 3.20
CA GLY A 19 -4.44 8.79 4.02
C GLY A 19 -4.66 7.33 3.57
N THR A 20 -4.71 7.10 2.26
CA THR A 20 -4.68 5.81 1.55
C THR A 20 -5.87 4.87 1.82
N VAL A 21 -6.06 3.87 0.92
CA VAL A 21 -7.26 2.99 0.96
C VAL A 21 -7.07 1.85 1.98
N THR A 22 -6.10 0.96 1.73
CA THR A 22 -5.62 -0.10 2.64
C THR A 22 -4.14 -0.38 2.39
N CYS A 23 -3.48 -1.13 3.28
CA CYS A 23 -2.09 -1.56 3.11
C CYS A 23 -1.88 -2.52 1.91
N PRO A 24 -0.62 -2.69 1.45
CA PRO A 24 -0.25 -3.73 0.47
C PRO A 24 -0.34 -5.14 1.04
N LEU A 1 -7.95 -5.59 -0.46
CA LEU A 1 -6.87 -6.54 -0.90
C LEU A 1 -6.00 -6.98 0.28
N CYS A 2 -4.93 -6.24 0.62
CA CYS A 2 -4.02 -6.51 1.75
C CYS A 2 -3.52 -7.97 1.79
N THR A 3 -2.90 -8.40 0.68
CA THR A 3 -2.54 -9.81 0.38
C THR A 3 -1.26 -9.97 -0.46
N TYR A 4 -0.80 -8.94 -1.18
CA TYR A 4 0.31 -9.06 -2.14
C TYR A 4 1.68 -9.26 -1.47
N LYS A 5 2.05 -8.33 -0.56
CA LYS A 5 3.26 -8.40 0.30
C LYS A 5 4.61 -8.47 -0.45
N VAL A 6 4.59 -7.98 -1.69
CA VAL A 6 5.79 -7.67 -2.51
C VAL A 6 6.19 -6.22 -2.17
N LYS A 7 7.08 -5.57 -2.93
CA LYS A 7 7.32 -4.12 -2.81
C LYS A 7 5.98 -3.35 -2.97
N PRO A 8 5.60 -2.44 -2.04
CA PRO A 8 4.24 -1.86 -1.96
C PRO A 8 3.82 -0.93 -3.11
N LYS A 9 4.72 -0.58 -4.02
CA LYS A 9 4.50 0.41 -5.11
C LYS A 9 3.43 -0.05 -6.12
N LEU A 10 3.12 -1.34 -6.12
CA LEU A 10 1.99 -1.98 -6.82
C LEU A 10 0.63 -1.32 -6.48
N GLN A 11 0.50 -0.68 -5.30
CA GLN A 11 -0.69 0.13 -4.91
C GLN A 11 -0.36 1.38 -4.09
N ARG A 12 0.88 1.59 -3.62
CA ARG A 12 1.40 2.72 -2.81
C ARG A 12 0.72 3.04 -1.47
N PHE A 13 -0.28 2.29 -1.01
CA PHE A 13 -1.01 2.63 0.24
C PHE A 13 -0.17 2.46 1.53
N LYS A 14 0.90 1.65 1.46
CA LYS A 14 1.93 1.54 2.52
C LYS A 14 2.93 2.71 2.58
N LEU A 15 2.78 3.74 1.73
CA LEU A 15 3.66 4.92 1.71
C LEU A 15 3.19 6.07 2.64
N TYR A 16 1.89 6.16 2.93
CA TYR A 16 1.23 7.08 3.89
C TYR A 16 1.36 8.60 3.62
N PHE A 17 2.18 9.01 2.66
CA PHE A 17 2.46 10.40 2.28
C PHE A 17 1.22 11.26 1.88
N LEU A 18 0.13 10.62 1.44
CA LEU A 18 -1.13 11.25 1.04
C LEU A 18 -2.31 10.98 2.00
N GLY A 19 -2.05 10.33 3.13
CA GLY A 19 -3.08 9.88 4.09
C GLY A 19 -3.79 8.59 3.67
N THR A 20 -3.12 7.73 2.91
CA THR A 20 -3.57 6.39 2.48
C THR A 20 -3.89 5.49 3.67
N VAL A 21 -4.95 4.68 3.55
CA VAL A 21 -5.52 3.88 4.67
C VAL A 21 -5.72 2.39 4.35
N THR A 22 -5.83 2.05 3.07
CA THR A 22 -5.82 0.70 2.49
C THR A 22 -4.42 0.05 2.56
N CYS A 23 -4.26 -1.18 2.04
CA CYS A 23 -3.04 -1.99 2.23
C CYS A 23 -2.72 -2.91 1.03
N PRO A 24 -1.43 -3.13 0.69
CA PRO A 24 -0.97 -4.07 -0.33
C PRO A 24 -1.11 -5.53 0.10
N LEU A 1 -7.44 -2.80 0.86
CA LEU A 1 -6.88 -4.10 0.35
C LEU A 1 -6.07 -4.81 1.45
N CYS A 2 -4.79 -4.45 1.63
CA CYS A 2 -3.87 -5.01 2.63
C CYS A 2 -3.74 -6.54 2.56
N THR A 3 -3.45 -7.05 1.34
CA THR A 3 -3.49 -8.47 1.01
C THR A 3 -2.48 -8.92 -0.07
N TYR A 4 -1.72 -8.01 -0.69
CA TYR A 4 -0.73 -8.36 -1.71
C TYR A 4 0.59 -8.79 -1.08
N LYS A 5 1.16 -7.94 -0.20
CA LYS A 5 2.32 -8.25 0.68
C LYS A 5 3.63 -8.60 -0.07
N VAL A 6 3.71 -8.16 -1.32
CA VAL A 6 4.92 -8.17 -2.18
C VAL A 6 5.60 -6.80 -2.02
N LYS A 7 6.55 -6.44 -2.90
CA LYS A 7 7.07 -5.05 -2.98
C LYS A 7 5.87 -4.10 -3.21
N PRO A 8 5.68 -3.05 -2.40
CA PRO A 8 4.43 -2.25 -2.32
C PRO A 8 4.03 -1.44 -3.55
N LYS A 9 4.91 -1.25 -4.53
CA LYS A 9 4.72 -0.31 -5.67
C LYS A 9 3.54 -0.66 -6.59
N LEU A 10 3.08 -1.91 -6.50
CA LEU A 10 1.82 -2.44 -7.07
C LEU A 10 0.55 -1.63 -6.69
N GLN A 11 0.58 -0.93 -5.53
CA GLN A 11 -0.47 0.01 -5.08
C GLN A 11 0.08 1.29 -4.43
N ARG A 12 1.37 1.31 -4.06
CA ARG A 12 2.07 2.33 -3.23
C ARG A 12 1.45 2.69 -1.88
N PHE A 13 0.45 1.98 -1.36
CA PHE A 13 -0.24 2.39 -0.12
C PHE A 13 0.66 2.31 1.13
N LYS A 14 1.75 1.52 1.07
CA LYS A 14 2.83 1.49 2.07
C LYS A 14 3.64 2.81 2.14
N LEU A 15 3.44 3.74 1.20
CA LEU A 15 3.91 5.13 1.25
C LEU A 15 2.72 6.00 1.71
N TYR A 16 2.56 6.09 3.02
CA TYR A 16 1.38 6.64 3.71
C TYR A 16 1.17 8.17 3.59
N PHE A 17 2.09 8.90 2.96
CA PHE A 17 2.11 10.38 2.86
C PHE A 17 0.80 11.01 2.33
N LEU A 18 0.08 10.32 1.45
CA LEU A 18 -1.15 10.75 0.79
C LEU A 18 -2.41 10.59 1.67
N GLY A 19 -2.30 9.91 2.82
CA GLY A 19 -3.45 9.44 3.61
C GLY A 19 -4.06 8.18 2.99
N THR A 20 -3.19 7.23 2.63
CA THR A 20 -3.50 5.97 1.94
C THR A 20 -4.51 5.11 2.73
N VAL A 21 -5.33 4.34 2.01
CA VAL A 21 -6.53 3.66 2.59
C VAL A 21 -6.21 2.53 3.59
N THR A 22 -5.26 1.65 3.25
CA THR A 22 -4.80 0.50 4.05
C THR A 22 -3.35 0.17 3.69
N CYS A 23 -2.79 -0.94 4.17
CA CYS A 23 -1.53 -1.48 3.62
C CYS A 23 -1.77 -2.12 2.21
N PRO A 24 -0.74 -2.58 1.47
CA PRO A 24 -0.90 -3.15 0.13
C PRO A 24 -1.44 -4.59 0.10
N LEU A 1 -7.28 -6.04 -0.25
CA LEU A 1 -6.20 -6.77 -1.02
C LEU A 1 -5.32 -7.60 -0.07
N CYS A 2 -4.25 -7.04 0.50
CA CYS A 2 -3.36 -7.72 1.47
C CYS A 2 -2.86 -9.09 0.94
N THR A 3 -2.17 -9.11 -0.20
CA THR A 3 -1.84 -10.35 -0.95
C THR A 3 -0.54 -10.29 -1.76
N TYR A 4 -0.07 -9.10 -2.16
CA TYR A 4 1.10 -8.96 -3.05
C TYR A 4 2.42 -9.21 -2.32
N LYS A 5 2.67 -8.43 -1.25
CA LYS A 5 3.82 -8.53 -0.32
C LYS A 5 5.20 -8.39 -0.97
N VAL A 6 5.24 -7.70 -2.11
CA VAL A 6 6.46 -7.21 -2.80
C VAL A 6 6.72 -5.77 -2.32
N LYS A 7 7.63 -5.00 -2.95
CA LYS A 7 7.80 -3.55 -2.70
C LYS A 7 6.45 -2.81 -2.88
N PRO A 8 5.89 -2.10 -1.87
CA PRO A 8 4.51 -1.56 -1.89
C PRO A 8 4.12 -0.56 -2.98
N LYS A 9 5.06 -0.07 -3.80
CA LYS A 9 4.82 0.95 -4.85
C LYS A 9 3.81 0.49 -5.92
N LEU A 10 3.60 -0.82 -6.03
CA LEU A 10 2.53 -1.49 -6.79
C LEU A 10 1.11 -0.97 -6.46
N GLN A 11 0.89 -0.41 -5.26
CA GLN A 11 -0.36 0.25 -4.86
C GLN A 11 -0.17 1.52 -3.99
N ARG A 12 1.04 1.82 -3.51
CA ARG A 12 1.43 2.95 -2.62
C ARG A 12 0.68 3.12 -1.28
N PHE A 13 -0.21 2.21 -0.87
CA PHE A 13 -0.99 2.38 0.37
C PHE A 13 -0.13 2.29 1.66
N LYS A 14 1.05 1.66 1.61
CA LYS A 14 2.06 1.66 2.68
C LYS A 14 2.84 2.99 2.80
N LEU A 15 2.59 3.99 1.95
CA LEU A 15 3.27 5.30 1.99
C LEU A 15 2.61 6.32 2.93
N TYR A 16 1.29 6.21 3.18
CA TYR A 16 0.48 6.98 4.16
C TYR A 16 0.40 8.51 3.96
N PHE A 17 1.20 9.09 3.06
CA PHE A 17 1.28 10.53 2.74
C PHE A 17 -0.05 11.21 2.33
N LEU A 18 -1.00 10.45 1.78
CA LEU A 18 -2.32 10.91 1.33
C LEU A 18 -3.49 10.44 2.22
N GLY A 19 -3.19 9.77 3.35
CA GLY A 19 -4.21 9.16 4.23
C GLY A 19 -4.71 7.80 3.72
N THR A 20 -3.88 7.08 2.98
CA THR A 20 -4.12 5.72 2.45
C THR A 20 -4.43 4.72 3.58
N VAL A 21 -5.40 3.81 3.34
CA VAL A 21 -5.98 2.92 4.39
C VAL A 21 -6.10 1.45 3.97
N THR A 22 -6.14 1.16 2.66
CA THR A 22 -6.05 -0.17 2.05
C THR A 22 -4.62 -0.75 2.15
N CYS A 23 -4.36 -1.95 1.61
CA CYS A 23 -3.10 -2.67 1.85
C CYS A 23 -2.55 -3.48 0.65
N PRO A 24 -1.21 -3.53 0.47
CA PRO A 24 -0.53 -4.42 -0.46
C PRO A 24 -0.53 -5.87 0.03
N LEU A 1 -5.96 -3.93 2.26
CA LEU A 1 -5.75 -5.28 1.63
C LEU A 1 -4.96 -6.20 2.57
N CYS A 2 -3.67 -5.93 2.81
CA CYS A 2 -2.78 -6.72 3.67
C CYS A 2 -2.71 -8.22 3.26
N THR A 3 -2.33 -8.47 2.01
CA THR A 3 -2.27 -9.82 1.40
C THR A 3 -1.20 -9.99 0.30
N TYR A 4 -0.76 -8.91 -0.36
CA TYR A 4 0.19 -8.98 -1.49
C TYR A 4 1.62 -9.28 -1.02
N LYS A 5 2.18 -8.38 -0.20
CA LYS A 5 3.45 -8.55 0.56
C LYS A 5 4.72 -8.74 -0.30
N VAL A 6 4.65 -8.24 -1.53
CA VAL A 6 5.80 -8.02 -2.43
C VAL A 6 6.27 -6.58 -2.20
N LYS A 7 7.12 -5.99 -3.08
CA LYS A 7 7.40 -4.54 -3.04
C LYS A 7 6.06 -3.77 -3.15
N PRO A 8 5.77 -2.78 -2.28
CA PRO A 8 4.42 -2.17 -2.13
C PRO A 8 3.91 -1.33 -3.32
N LYS A 9 4.77 -1.03 -4.29
CA LYS A 9 4.50 -0.11 -5.42
C LYS A 9 3.44 -0.64 -6.40
N LEU A 10 3.13 -1.93 -6.30
CA LEU A 10 1.99 -2.61 -6.94
C LEU A 10 0.63 -1.94 -6.65
N GLN A 11 0.49 -1.25 -5.52
CA GLN A 11 -0.68 -0.43 -5.16
C GLN A 11 -0.35 0.90 -4.45
N ARG A 12 0.90 1.12 -4.01
CA ARG A 12 1.46 2.30 -3.32
C ARG A 12 0.80 2.80 -2.03
N PHE A 13 -0.19 2.09 -1.47
CA PHE A 13 -0.89 2.50 -0.24
C PHE A 13 0.06 2.62 0.97
N LYS A 14 1.12 1.80 1.00
CA LYS A 14 2.20 1.82 2.02
C LYS A 14 3.09 3.09 2.01
N LEU A 15 2.90 4.01 1.06
CA LEU A 15 3.57 5.31 1.03
C LEU A 15 2.85 6.39 1.88
N TYR A 16 1.54 6.20 2.16
CA TYR A 16 0.67 6.99 3.05
C TYR A 16 0.46 8.50 2.77
N PHE A 17 1.31 9.13 1.97
CA PHE A 17 1.31 10.59 1.69
C PHE A 17 -0.06 11.15 1.22
N LEU A 18 -0.82 10.36 0.45
CA LEU A 18 -2.08 10.75 -0.18
C LEU A 18 -3.32 10.61 0.74
N GLY A 19 -3.14 10.11 1.97
CA GLY A 19 -4.24 9.70 2.85
C GLY A 19 -4.81 8.33 2.44
N THR A 20 -3.91 7.42 2.05
CA THR A 20 -4.20 6.09 1.47
C THR A 20 -5.04 5.20 2.40
N VAL A 21 -4.77 5.26 3.71
CA VAL A 21 -5.50 4.63 4.83
C VAL A 21 -5.73 3.11 4.69
N THR A 22 -4.88 2.43 3.91
CA THR A 22 -4.85 0.96 3.79
C THR A 22 -3.44 0.44 3.47
N CYS A 23 -3.30 -0.87 3.34
CA CYS A 23 -2.05 -1.62 3.19
C CYS A 23 -2.11 -2.63 2.04
N PRO A 24 -0.99 -2.88 1.32
CA PRO A 24 -0.86 -3.97 0.37
C PRO A 24 -0.75 -5.33 1.08
N LEU A 1 -7.75 -3.53 -1.70
CA LEU A 1 -6.84 -4.65 -2.12
C LEU A 1 -6.42 -5.49 -0.90
N CYS A 2 -5.38 -5.10 -0.17
CA CYS A 2 -4.97 -5.69 1.12
C CYS A 2 -4.77 -7.21 1.05
N THR A 3 -3.99 -7.69 0.06
CA THR A 3 -3.86 -9.10 -0.32
C THR A 3 -2.46 -9.52 -0.83
N TYR A 4 -1.63 -8.59 -1.32
CA TYR A 4 -0.35 -8.92 -1.98
C TYR A 4 0.72 -9.39 -0.98
N LYS A 5 0.99 -8.59 0.06
CA LYS A 5 1.84 -8.96 1.22
C LYS A 5 3.26 -9.37 0.82
N VAL A 6 3.85 -8.52 -0.02
CA VAL A 6 5.27 -8.49 -0.44
C VAL A 6 5.73 -7.03 -0.41
N LYS A 7 6.84 -6.71 -1.09
CA LYS A 7 7.36 -5.33 -1.23
C LYS A 7 6.23 -4.38 -1.70
N PRO A 8 5.82 -3.36 -0.90
CA PRO A 8 4.60 -2.55 -1.12
C PRO A 8 4.62 -1.58 -2.32
N LYS A 9 5.75 -1.46 -3.02
CA LYS A 9 5.94 -0.54 -4.17
C LYS A 9 4.98 -0.81 -5.34
N LEU A 10 4.40 -2.01 -5.35
CA LEU A 10 3.27 -2.42 -6.21
C LEU A 10 2.04 -1.48 -6.14
N GLN A 11 1.88 -0.72 -5.04
CA GLN A 11 0.89 0.38 -4.91
C GLN A 11 1.41 1.62 -4.15
N ARG A 12 2.54 1.53 -3.42
CA ARG A 12 3.09 2.55 -2.48
C ARG A 12 2.19 3.03 -1.34
N PHE A 13 1.01 2.42 -1.12
CA PHE A 13 0.06 2.87 -0.09
C PHE A 13 0.51 2.58 1.35
N LYS A 14 1.43 1.63 1.56
CA LYS A 14 2.01 1.27 2.89
C LYS A 14 2.93 2.34 3.48
N LEU A 15 3.12 3.45 2.75
CA LEU A 15 3.81 4.65 3.23
C LEU A 15 2.88 5.60 4.02
N TYR A 16 1.56 5.52 3.80
CA TYR A 16 0.46 6.26 4.46
C TYR A 16 0.49 7.81 4.41
N PHE A 17 1.59 8.43 3.99
CA PHE A 17 1.82 9.89 3.96
C PHE A 17 0.71 10.71 3.25
N LEU A 18 0.16 10.15 2.16
CA LEU A 18 -0.74 10.82 1.22
C LEU A 18 -2.23 10.77 1.63
N GLY A 19 -2.56 10.09 2.74
CA GLY A 19 -3.94 9.72 3.07
C GLY A 19 -4.41 8.61 2.10
N THR A 20 -3.55 7.60 1.96
CA THR A 20 -3.58 6.52 0.96
C THR A 20 -4.92 5.73 0.94
N VAL A 21 -5.31 5.28 -0.26
CA VAL A 21 -6.66 4.74 -0.56
C VAL A 21 -6.96 3.38 0.09
N THR A 22 -6.01 2.45 0.06
CA THR A 22 -6.16 1.05 0.51
C THR A 22 -4.81 0.50 1.02
N CYS A 23 -4.69 -0.81 1.25
CA CYS A 23 -3.44 -1.49 1.63
C CYS A 23 -2.91 -2.40 0.51
N PRO A 24 -1.61 -2.77 0.55
CA PRO A 24 -1.04 -3.82 -0.30
C PRO A 24 -1.57 -5.19 0.13
N LEU A 1 -5.92 -5.14 3.54
CA LEU A 1 -5.01 -6.05 2.76
C LEU A 1 -3.76 -6.37 3.59
N CYS A 2 -2.69 -5.57 3.48
CA CYS A 2 -1.46 -5.65 4.32
C CYS A 2 -0.87 -7.08 4.36
N THR A 3 -0.69 -7.67 3.18
CA THR A 3 -0.38 -9.11 2.99
C THR A 3 0.55 -9.41 1.79
N TYR A 4 0.69 -8.50 0.83
CA TYR A 4 1.47 -8.76 -0.39
C TYR A 4 2.99 -8.71 -0.15
N LYS A 5 3.50 -7.53 0.24
CA LYS A 5 4.94 -7.21 0.41
C LYS A 5 5.78 -7.38 -0.87
N VAL A 6 5.10 -7.35 -2.00
CA VAL A 6 5.64 -7.25 -3.37
C VAL A 6 5.91 -5.74 -3.62
N LYS A 7 6.35 -5.33 -4.82
CA LYS A 7 6.42 -3.91 -5.21
C LYS A 7 5.04 -3.25 -4.93
N PRO A 8 4.97 -2.12 -4.19
CA PRO A 8 3.73 -1.55 -3.64
C PRO A 8 2.74 -0.95 -4.65
N LYS A 9 3.09 -0.90 -5.94
CA LYS A 9 2.30 -0.26 -7.02
C LYS A 9 0.93 -0.92 -7.24
N LEU A 10 0.79 -2.15 -6.75
CA LEU A 10 -0.47 -2.91 -6.62
C LEU A 10 -1.57 -2.14 -5.85
N GLN A 11 -1.22 -1.18 -4.97
CA GLN A 11 -2.16 -0.24 -4.33
C GLN A 11 -1.63 1.21 -4.13
N ARG A 12 -0.32 1.47 -4.32
CA ARG A 12 0.42 2.72 -3.98
C ARG A 12 0.35 3.21 -2.53
N PHE A 13 -0.18 2.44 -1.58
CA PHE A 13 -0.33 2.86 -0.16
C PHE A 13 1.01 3.01 0.59
N LYS A 14 2.13 2.47 0.08
CA LYS A 14 3.49 2.66 0.65
C LYS A 14 3.98 4.11 0.60
N LEU A 15 3.31 4.96 -0.19
CA LEU A 15 3.57 6.40 -0.24
C LEU A 15 3.07 7.13 1.02
N TYR A 16 2.04 6.61 1.70
CA TYR A 16 1.37 7.12 2.92
C TYR A 16 0.81 8.57 2.87
N PHE A 17 1.10 9.35 1.83
CA PHE A 17 0.76 10.78 1.69
C PHE A 17 -0.74 11.11 1.75
N LEU A 18 -1.57 10.22 1.19
CA LEU A 18 -3.00 10.43 0.94
C LEU A 18 -3.92 10.16 2.16
N GLY A 19 -3.35 9.71 3.29
CA GLY A 19 -4.14 9.14 4.39
C GLY A 19 -4.64 7.75 3.97
N THR A 20 -3.70 6.97 3.43
CA THR A 20 -3.87 5.68 2.74
C THR A 20 -4.68 4.64 3.54
N VAL A 21 -5.43 3.80 2.81
CA VAL A 21 -6.47 2.91 3.40
C VAL A 21 -5.90 1.74 4.20
N THR A 22 -4.86 1.09 3.69
CA THR A 22 -4.25 -0.14 4.24
C THR A 22 -2.78 -0.23 3.82
N CYS A 23 -2.10 -1.37 4.00
CA CYS A 23 -0.76 -1.65 3.49
C CYS A 23 -0.81 -2.57 2.26
N PRO A 24 0.27 -2.66 1.45
CA PRO A 24 0.43 -3.65 0.40
C PRO A 24 0.69 -5.06 0.97
N LEU A 1 -5.76 -3.63 1.70
CA LEU A 1 -5.75 -5.01 1.13
C LEU A 1 -4.90 -5.96 1.98
N CYS A 2 -3.60 -5.66 2.10
CA CYS A 2 -2.60 -6.34 2.96
C CYS A 2 -2.25 -7.76 2.48
N THR A 3 -2.28 -8.00 1.17
CA THR A 3 -2.18 -9.36 0.59
C THR A 3 -1.17 -9.49 -0.57
N TYR A 4 -0.63 -8.39 -1.10
CA TYR A 4 0.34 -8.41 -2.20
C TYR A 4 1.76 -8.59 -1.67
N LYS A 5 2.21 -7.69 -0.78
CA LYS A 5 3.48 -7.79 -0.02
C LYS A 5 4.77 -7.85 -0.87
N VAL A 6 4.66 -7.42 -2.12
CA VAL A 6 5.78 -7.15 -3.05
C VAL A 6 6.19 -5.68 -2.87
N LYS A 7 7.03 -5.11 -3.75
CA LYS A 7 7.28 -3.66 -3.80
C LYS A 7 5.93 -2.91 -3.87
N PRO A 8 5.62 -1.96 -2.96
CA PRO A 8 4.27 -1.41 -2.75
C PRO A 8 3.65 -0.57 -3.87
N LYS A 9 4.39 -0.19 -4.92
CA LYS A 9 3.94 0.77 -5.96
C LYS A 9 2.75 0.27 -6.79
N LEU A 10 2.50 -1.03 -6.75
CA LEU A 10 1.30 -1.72 -7.25
C LEU A 10 -0.03 -1.17 -6.67
N GLN A 11 -0.01 -0.58 -5.47
CA GLN A 11 -1.18 0.04 -4.80
C GLN A 11 -0.86 1.30 -3.97
N ARG A 12 0.42 1.63 -3.72
CA ARG A 12 0.94 2.78 -2.94
C ARG A 12 0.47 2.95 -1.49
N PHE A 13 -0.24 1.98 -0.89
CA PHE A 13 -0.76 2.13 0.48
C PHE A 13 0.34 2.15 1.56
N LYS A 14 1.49 1.50 1.30
CA LYS A 14 2.66 1.50 2.21
C LYS A 14 3.45 2.81 2.22
N LEU A 15 3.02 3.85 1.47
CA LEU A 15 3.65 5.17 1.48
C LEU A 15 3.04 6.12 2.53
N TYR A 16 1.77 5.92 2.93
CA TYR A 16 1.02 6.66 3.97
C TYR A 16 0.78 8.17 3.71
N PHE A 17 1.50 8.77 2.75
CA PHE A 17 1.50 10.19 2.40
C PHE A 17 0.13 10.79 2.00
N LEU A 18 -0.75 10.00 1.37
CA LEU A 18 -2.10 10.40 0.94
C LEU A 18 -3.21 10.13 1.97
N GLY A 19 -2.84 9.63 3.16
CA GLY A 19 -3.79 9.11 4.17
C GLY A 19 -4.24 7.67 3.87
N THR A 20 -3.39 6.91 3.19
CA THR A 20 -3.58 5.50 2.78
C THR A 20 -3.53 4.55 3.99
N VAL A 21 -4.57 4.57 4.83
CA VAL A 21 -4.68 3.84 6.11
C VAL A 21 -4.97 2.33 5.93
N THR A 22 -4.21 1.67 5.05
CA THR A 22 -4.21 0.22 4.84
C THR A 22 -2.82 -0.25 4.36
N CYS A 23 -2.66 -1.54 4.09
CA CYS A 23 -1.45 -2.15 3.54
C CYS A 23 -1.67 -2.75 2.14
N PRO A 24 -0.59 -3.01 1.37
CA PRO A 24 -0.67 -3.56 0.02
C PRO A 24 -0.97 -5.06 -0.02
#